data_2IWC
#
_entry.id   2IWC
#
_cell.length_a   58.400
_cell.length_b   58.400
_cell.length_c   148.050
_cell.angle_alpha   90.00
_cell.angle_beta   90.00
_cell.angle_gamma   90.00
#
_symmetry.space_group_name_H-M   'P 41 21 2'
#
loop_
_entity.id
_entity.type
_entity.pdbx_description
1 polymer 'METHICILLIN RESISTANCE MECR1 PROTEIN'
2 non-polymer 'OPEN FORM - PENICILLIN G'
3 water water
#
_entity_poly.entity_id   1
_entity_poly.type   'polypeptide(L)'
_entity_poly.pdbx_seq_one_letter_code
;GHMSAHVQQDKYETNVSYKKLNQLAPYFKGFDGSFVLYNEREQAYSIYNEPESKQRYSPNSTYKIYLALMAFDQNLLSLN
HTEQQWDKHQYPFKEWNQDQNLNSSMKYSVNWYYENLNKHLRQDEVKSYLDLIEYGNEEISGNENYWNESSLKISAIEQV
NLLKNMKQHNMHFDNKAIEKVENSMTLKQKDTYKYVGKTGTGIVNHKEANGWFVGYVETKDNTYYFATHLKGEDNANGEK
AQQISERILKEMELI
;
_entity_poly.pdbx_strand_id   A
#
# COMPACT_ATOMS: atom_id res chain seq x y z
N GLY A 1 15.87 12.32 26.30
CA GLY A 1 15.33 11.10 25.63
C GLY A 1 16.32 10.48 24.69
N HIS A 2 16.11 9.20 24.37
CA HIS A 2 17.09 8.44 23.60
C HIS A 2 16.80 8.35 22.11
N MET A 3 17.87 8.49 21.32
CA MET A 3 17.83 8.30 19.87
C MET A 3 17.27 6.93 19.51
N SER A 4 17.52 5.94 20.37
CA SER A 4 17.04 4.57 20.22
C SER A 4 15.52 4.46 20.00
N ALA A 5 14.76 5.32 20.69
CA ALA A 5 13.32 5.44 20.43
C ALA A 5 13.04 5.59 18.95
N HIS A 6 13.78 6.49 18.28
CA HIS A 6 13.61 6.75 16.85
C HIS A 6 14.05 5.61 15.96
N VAL A 7 15.15 4.96 16.31
CA VAL A 7 15.62 3.75 15.64
C VAL A 7 14.57 2.61 15.74
N GLN A 8 13.98 2.45 16.91
CA GLN A 8 12.96 1.42 17.16
C GLN A 8 11.63 1.75 16.46
N GLN A 9 11.39 3.04 16.21
CA GLN A 9 10.21 3.47 15.46
C GLN A 9 10.31 3.16 13.96
N ASP A 10 11.53 2.86 13.51
CA ASP A 10 11.83 2.53 12.11
C ASP A 10 11.64 1.05 11.77
N LYS A 11 11.24 0.27 12.77
CA LYS A 11 11.01 -1.15 12.62
C LYS A 11 9.71 -1.55 13.32
N TYR A 12 8.96 -2.41 12.66
CA TYR A 12 7.81 -3.05 13.26
C TYR A 12 8.26 -4.22 14.14
N GLU A 13 7.95 -4.14 15.43
CA GLU A 13 8.26 -5.22 16.37
C GLU A 13 7.06 -6.14 16.57
N THR A 14 7.21 -7.34 16.06
CA THR A 14 6.26 -8.41 16.30
C THR A 14 7.10 -9.65 16.45
N ASN A 15 6.58 -10.64 17.18
CA ASN A 15 7.18 -11.97 17.12
C ASN A 15 6.12 -12.96 16.66
N VAL A 16 5.39 -12.59 15.61
CA VAL A 16 4.47 -13.53 15.00
C VAL A 16 5.26 -14.67 14.37
N SER A 17 4.70 -15.88 14.44
CA SER A 17 5.26 -17.03 13.76
C SER A 17 4.95 -16.94 12.27
N TYR A 18 5.81 -17.55 11.45
CA TYR A 18 5.68 -17.52 9.99
C TYR A 18 6.35 -18.75 9.36
N LYS A 19 5.82 -19.20 8.22
CA LYS A 19 6.50 -20.18 7.36
C LYS A 19 7.56 -19.43 6.56
N LYS A 20 8.79 -19.94 6.58
CA LYS A 20 9.90 -19.36 5.82
C LYS A 20 9.68 -19.53 4.32
N LEU A 21 9.91 -18.47 3.55
CA LEU A 21 9.88 -18.57 2.09
C LEU A 21 11.23 -18.22 1.50
N ASN A 22 12.30 -18.88 1.95
CA ASN A 22 13.64 -18.50 1.47
C ASN A 22 13.90 -18.93 0.02
N GLN A 23 13.10 -19.86 -0.49
CA GLN A 23 13.29 -20.27 -1.86
C GLN A 23 12.84 -19.20 -2.87
N LEU A 24 12.30 -18.10 -2.36
CA LEU A 24 11.87 -17.00 -3.22
C LEU A 24 13.00 -16.04 -3.56
N ALA A 25 14.15 -16.21 -2.90
CA ALA A 25 15.31 -15.35 -3.11
C ALA A 25 15.64 -15.09 -4.59
N PRO A 26 15.59 -16.12 -5.45
CA PRO A 26 16.01 -15.78 -6.84
C PRO A 26 15.16 -14.68 -7.49
N TYR A 27 13.92 -14.51 -7.07
CA TYR A 27 13.04 -13.52 -7.67
C TYR A 27 13.50 -12.10 -7.35
N PHE A 28 14.32 -11.96 -6.31
CA PHE A 28 14.74 -10.64 -5.85
C PHE A 28 16.17 -10.30 -6.17
N LYS A 29 16.71 -10.99 -7.18
CA LYS A 29 18.04 -10.68 -7.67
C LYS A 29 18.12 -9.19 -7.92
N GLY A 30 19.18 -8.58 -7.38
CA GLY A 30 19.46 -7.17 -7.58
C GLY A 30 18.80 -6.24 -6.58
N PHE A 31 18.09 -6.80 -5.58
CA PHE A 31 17.38 -5.98 -4.59
C PHE A 31 17.53 -6.54 -3.19
N ASP A 32 17.40 -5.66 -2.18
CA ASP A 32 17.01 -6.08 -0.82
C ASP A 32 15.49 -6.04 -0.80
N GLY A 33 14.89 -7.21 -0.86
CA GLY A 33 13.46 -7.30 -1.02
C GLY A 33 12.79 -8.14 0.04
N SER A 34 11.47 -8.06 0.11
CA SER A 34 10.72 -8.90 1.01
C SER A 34 9.37 -9.24 0.39
N PHE A 35 8.88 -10.43 0.71
CA PHE A 35 7.52 -10.81 0.35
C PHE A 35 6.79 -11.32 1.60
N VAL A 36 5.63 -10.78 1.85
CA VAL A 36 4.79 -11.24 2.95
C VAL A 36 3.48 -11.75 2.40
N LEU A 37 3.11 -12.96 2.79
CA LEU A 37 1.78 -13.48 2.52
C LEU A 37 1.05 -13.82 3.82
N TYR A 38 -0.25 -13.53 3.90
CA TYR A 38 -1.07 -14.00 5.01
C TYR A 38 -2.27 -14.73 4.46
N ASN A 39 -2.40 -15.97 4.91
CA ASN A 39 -3.51 -16.88 4.58
C ASN A 39 -4.60 -16.68 5.60
N GLU A 40 -5.72 -16.11 5.17
CA GLU A 40 -6.77 -15.74 6.12
C GLU A 40 -7.39 -16.95 6.82
N ARG A 41 -7.79 -17.96 6.06
CA ARG A 41 -8.44 -19.16 6.62
C ARG A 41 -7.54 -19.85 7.63
N GLU A 42 -6.29 -20.04 7.27
CA GLU A 42 -5.34 -20.77 8.12
C GLU A 42 -4.70 -19.83 9.14
N GLN A 43 -5.04 -18.54 9.04
CA GLN A 43 -4.50 -17.52 9.92
C GLN A 43 -2.98 -17.65 10.05
N ALA A 44 -2.29 -17.66 8.92
CA ALA A 44 -0.86 -17.97 8.93
C ALA A 44 -0.07 -17.07 7.98
N TYR A 45 1.03 -16.51 8.50
CA TYR A 45 1.96 -15.70 7.71
C TYR A 45 3.03 -16.57 7.05
N SER A 46 3.37 -16.24 5.79
CA SER A 46 4.57 -16.77 5.14
C SER A 46 5.45 -15.61 4.72
N ILE A 47 6.77 -15.73 4.93
CA ILE A 47 7.67 -14.58 4.71
C ILE A 47 8.99 -14.96 4.03
N TYR A 48 9.34 -14.19 2.99
CA TYR A 48 10.72 -14.16 2.46
C TYR A 48 11.39 -12.91 3.02
N ASN A 49 12.56 -13.10 3.61
CA ASN A 49 13.32 -11.99 4.19
C ASN A 49 12.65 -11.28 5.37
N GLU A 50 12.56 -12.00 6.49
CA GLU A 50 11.93 -11.46 7.69
C GLU A 50 12.49 -10.10 8.13
N PRO A 51 13.83 -9.92 8.14
CA PRO A 51 14.34 -8.60 8.56
C PRO A 51 13.77 -7.47 7.70
N GLU A 52 13.80 -7.63 6.38
CA GLU A 52 13.23 -6.64 5.48
C GLU A 52 11.73 -6.50 5.57
N SER A 53 11.04 -7.56 5.98
CA SER A 53 9.59 -7.51 6.13
C SER A 53 9.15 -6.62 7.29
N LYS A 54 10.08 -6.35 8.22
CA LYS A 54 9.82 -5.51 9.37
C LYS A 54 10.43 -4.10 9.33
N GLN A 55 11.26 -3.82 8.31
CA GLN A 55 11.80 -2.47 8.08
C GLN A 55 10.71 -1.56 7.56
N ARG A 56 10.58 -0.38 8.16
CA ARG A 56 9.57 0.57 7.71
C ARG A 56 10.13 1.44 6.61
N TYR A 57 9.33 1.63 5.55
CA TYR A 57 9.76 2.40 4.39
C TYR A 57 8.60 3.31 4.02
N SER A 58 8.89 4.44 3.38
CA SER A 58 7.82 5.29 2.87
C SER A 58 6.85 4.44 2.03
N PRO A 59 5.54 4.62 2.25
CA PRO A 59 4.55 3.87 1.47
C PRO A 59 4.37 4.39 0.04
N ASN A 60 4.74 5.66 -0.18
CA ASN A 60 4.47 6.33 -1.43
C ASN A 60 3.01 6.14 -1.84
N SER A 61 2.74 5.69 -3.05
CA SER A 61 1.37 5.67 -3.55
C SER A 61 0.49 4.60 -2.94
N THR A 62 1.07 3.64 -2.23
CA THR A 62 0.22 2.64 -1.52
C THR A 62 -0.61 3.27 -0.39
N TYR A 63 -0.22 4.48 0.00
CA TYR A 63 -0.91 5.23 1.04
C TYR A 63 -2.25 5.73 0.53
N LYS A 64 -2.41 5.80 -0.78
CA LYS A 64 -3.65 6.34 -1.39
C LYS A 64 -4.89 5.52 -1.03
N ILE A 65 -4.69 4.24 -0.72
CA ILE A 65 -5.77 3.34 -0.26
C ILE A 65 -6.46 3.95 0.96
N TYR A 66 -5.67 4.40 1.93
CA TYR A 66 -6.23 4.81 3.23
C TYR A 66 -6.63 6.27 3.18
N LEU A 67 -5.87 7.06 2.43
CA LEU A 67 -6.22 8.44 2.15
C LEU A 67 -7.65 8.49 1.55
N ALA A 68 -7.96 7.57 0.62
CA ALA A 68 -9.34 7.50 0.06
C ALA A 68 -10.39 7.11 1.12
N LEU A 69 -10.07 6.14 1.96
CA LEU A 69 -10.98 5.70 3.00
C LEU A 69 -11.25 6.81 4.02
N MET A 70 -10.18 7.51 4.41
CA MET A 70 -10.29 8.70 5.25
C MET A 70 -11.22 9.76 4.66
N ALA A 71 -11.14 9.93 3.35
CA ALA A 71 -11.91 10.93 2.64
C ALA A 71 -13.38 10.56 2.57
N PHE A 72 -13.66 9.27 2.41
CA PHE A 72 -15.03 8.78 2.47
C PHE A 72 -15.57 8.99 3.89
N ASP A 73 -14.77 8.60 4.87
CA ASP A 73 -15.18 8.70 6.27
C ASP A 73 -15.46 10.12 6.71
N GLN A 74 -14.71 11.09 6.17
CA GLN A 74 -14.98 12.51 6.42
C GLN A 74 -16.03 13.15 5.49
N ASN A 75 -16.63 12.36 4.60
CA ASN A 75 -17.59 12.85 3.58
C ASN A 75 -16.98 13.89 2.63
N LEU A 76 -15.69 13.74 2.37
CA LEU A 76 -15.01 14.51 1.34
C LEU A 76 -15.29 13.80 0.00
N LEU A 77 -15.26 12.48 0.02
CA LEU A 77 -15.69 11.63 -1.10
C LEU A 77 -16.97 10.92 -0.68
N SER A 78 -17.84 10.64 -1.64
CA SER A 78 -19.02 9.82 -1.40
C SER A 78 -19.22 8.94 -2.62
N LEU A 79 -20.13 7.98 -2.52
CA LEU A 79 -20.21 6.87 -3.48
C LEU A 79 -20.49 7.30 -4.90
N ASN A 80 -21.27 8.37 -5.07
CA ASN A 80 -21.49 9.00 -6.39
C ASN A 80 -20.71 10.30 -6.59
N HIS A 81 -19.84 10.66 -5.65
CA HIS A 81 -19.05 11.90 -5.74
C HIS A 81 -17.58 11.62 -5.54
N THR A 82 -16.93 11.13 -6.61
CA THR A 82 -15.48 10.91 -6.59
C THR A 82 -14.73 11.71 -7.66
N GLU A 83 -15.47 12.43 -8.51
CA GLU A 83 -14.86 13.19 -9.58
C GLU A 83 -14.12 14.42 -9.07
N GLN A 84 -12.90 14.59 -9.55
CA GLN A 84 -12.19 15.87 -9.42
C GLN A 84 -11.83 16.39 -10.81
N GLN A 85 -12.00 17.69 -11.02
CA GLN A 85 -11.64 18.30 -12.28
C GLN A 85 -10.15 18.65 -12.33
N TRP A 86 -9.54 18.43 -13.48
CA TRP A 86 -8.14 18.72 -13.68
C TRP A 86 -7.87 20.23 -13.73
N ASP A 87 -6.83 20.71 -13.02
CA ASP A 87 -6.53 22.17 -12.95
C ASP A 87 -5.80 22.73 -14.17
N LYS A 88 -5.67 21.91 -15.21
CA LYS A 88 -5.03 22.27 -16.48
C LYS A 88 -3.50 22.31 -16.40
N HIS A 89 -2.94 21.87 -15.28
CA HIS A 89 -1.49 21.72 -15.13
C HIS A 89 -0.97 20.48 -15.88
N GLN A 90 0.00 20.69 -16.78
CA GLN A 90 0.57 19.61 -17.59
C GLN A 90 1.57 18.75 -16.82
N TYR A 91 1.27 17.46 -16.69
CA TYR A 91 2.18 16.49 -16.07
C TYR A 91 2.89 15.67 -17.13
N PRO A 92 4.01 15.01 -16.76
CA PRO A 92 4.74 14.22 -17.75
C PRO A 92 4.00 12.93 -18.15
N PHE A 93 3.01 12.55 -17.35
CA PHE A 93 2.17 11.39 -17.66
C PHE A 93 0.79 11.91 -18.08
N LYS A 94 0.51 11.75 -19.37
CA LYS A 94 -0.73 12.23 -20.01
C LYS A 94 -2.05 11.77 -19.34
N GLU A 95 -2.08 10.57 -18.78
CA GLU A 95 -3.29 10.11 -18.08
C GLU A 95 -3.63 10.98 -16.87
N TRP A 96 -2.64 11.75 -16.41
CA TRP A 96 -2.80 12.64 -15.25
C TRP A 96 -3.43 13.92 -15.72
N ASN A 97 -3.25 14.24 -17.00
CA ASN A 97 -3.70 15.49 -17.61
C ASN A 97 -5.18 15.48 -18.03
N GLN A 98 -6.05 15.11 -17.10
CA GLN A 98 -7.50 15.06 -17.37
C GLN A 98 -8.26 14.92 -16.05
N ASP A 99 -9.55 15.23 -16.09
CA ASP A 99 -10.48 14.96 -15.00
C ASP A 99 -10.39 13.50 -14.58
N GLN A 100 -10.58 13.24 -13.28
CA GLN A 100 -10.44 11.90 -12.72
C GLN A 100 -11.65 11.54 -11.88
N ASN A 101 -11.90 10.24 -11.72
CA ASN A 101 -12.73 9.77 -10.61
C ASN A 101 -11.89 8.85 -9.71
N LEU A 102 -12.50 8.21 -8.72
CA LEU A 102 -11.74 7.29 -7.83
C LEU A 102 -11.08 6.16 -8.65
N ASN A 103 -11.83 5.55 -9.54
CA ASN A 103 -11.27 4.48 -10.36
C ASN A 103 -10.05 4.86 -11.21
N SER A 104 -10.15 5.95 -11.96
CA SER A 104 -9.04 6.35 -12.85
C SER A 104 -7.83 6.84 -12.06
N SER A 105 -8.07 7.50 -10.93
CA SER A 105 -7.00 8.11 -10.16
C SER A 105 -6.19 7.05 -9.44
N MET A 106 -6.83 5.95 -9.10
CA MET A 106 -6.12 4.85 -8.49
C MET A 106 -5.38 4.03 -9.55
N LYS A 107 -6.07 3.71 -10.64
CA LYS A 107 -5.53 2.97 -11.79
C LYS A 107 -4.24 3.67 -12.33
N TYR A 108 -4.35 4.97 -12.61
CA TYR A 108 -3.20 5.77 -13.12
C TYR A 108 -2.28 6.37 -12.06
N SER A 109 -2.58 6.09 -10.79
CA SER A 109 -1.85 6.64 -9.65
C SER A 109 -1.65 8.15 -9.78
N VAL A 110 -2.75 8.87 -9.89
CA VAL A 110 -2.72 10.31 -10.17
C VAL A 110 -2.46 11.08 -8.90
N ASN A 111 -1.21 11.49 -8.69
CA ASN A 111 -0.82 12.12 -7.41
C ASN A 111 -1.73 13.26 -6.98
N TRP A 112 -2.06 14.14 -7.93
CA TRP A 112 -2.74 15.39 -7.60
C TRP A 112 -4.12 15.16 -7.02
N TYR A 113 -4.75 14.07 -7.43
CA TYR A 113 -6.05 13.69 -6.92
C TYR A 113 -5.96 13.46 -5.41
N TYR A 114 -4.91 12.76 -4.99
CA TYR A 114 -4.74 12.36 -3.61
C TYR A 114 -4.15 13.50 -2.76
N GLU A 115 -3.27 14.31 -3.35
CA GLU A 115 -2.82 15.55 -2.72
C GLU A 115 -4.01 16.45 -2.38
N ASN A 116 -4.96 16.56 -3.30
CA ASN A 116 -6.17 17.36 -3.08
C ASN A 116 -6.95 16.81 -1.89
N LEU A 117 -7.08 15.49 -1.84
CA LEU A 117 -7.73 14.86 -0.69
C LEU A 117 -7.04 15.25 0.61
N ASN A 118 -5.73 15.02 0.66
CA ASN A 118 -4.99 15.34 1.88
C ASN A 118 -5.09 16.82 2.27
N LYS A 119 -5.11 17.70 1.28
CA LYS A 119 -5.30 19.14 1.46
C LYS A 119 -6.59 19.48 2.21
N HIS A 120 -7.64 18.72 1.93
CA HIS A 120 -8.91 19.02 2.55
C HIS A 120 -9.15 18.28 3.87
N LEU A 121 -8.23 17.40 4.26
CA LEU A 121 -8.32 16.74 5.54
C LEU A 121 -7.48 17.46 6.60
N ARG A 122 -8.08 17.69 7.77
CA ARG A 122 -7.39 18.25 8.93
C ARG A 122 -6.22 17.36 9.36
N GLN A 123 -5.03 17.93 9.40
CA GLN A 123 -3.82 17.20 9.83
C GLN A 123 -4.01 16.39 11.14
N ASP A 124 -4.68 16.99 12.14
CA ASP A 124 -4.99 16.28 13.39
C ASP A 124 -6.02 15.14 13.23
N GLU A 125 -6.94 15.29 12.29
CA GLU A 125 -7.81 14.17 11.84
C GLU A 125 -7.03 13.02 11.21
N VAL A 126 -6.12 13.32 10.28
CA VAL A 126 -5.27 12.29 9.72
C VAL A 126 -4.46 11.57 10.80
N LYS A 127 -3.84 12.32 11.71
CA LYS A 127 -3.06 11.71 12.80
C LYS A 127 -3.91 10.76 13.62
N SER A 128 -5.17 11.14 13.82
CA SER A 128 -6.08 10.31 14.57
C SER A 128 -6.34 9.03 13.82
N TYR A 129 -6.51 9.13 12.49
CA TYR A 129 -6.74 7.95 11.68
C TYR A 129 -5.54 7.00 11.70
N LEU A 130 -4.33 7.56 11.60
CA LEU A 130 -3.09 6.77 11.57
C LEU A 130 -2.87 6.05 12.90
N ASP A 131 -3.24 6.70 14.00
CA ASP A 131 -3.29 6.07 15.35
C ASP A 131 -4.31 4.91 15.40
N LEU A 132 -5.53 5.16 14.95
CA LEU A 132 -6.60 4.14 14.90
C LEU A 132 -6.18 2.91 14.14
N ILE A 133 -5.70 3.11 12.93
CA ILE A 133 -5.36 1.96 12.08
C ILE A 133 -3.91 1.45 12.26
N GLU A 134 -3.12 2.14 13.08
CA GLU A 134 -1.73 1.73 13.37
C GLU A 134 -0.90 1.67 12.09
N TYR A 135 -0.82 2.82 11.43
CA TYR A 135 -0.12 2.95 10.17
C TYR A 135 1.36 3.21 10.41
N GLY A 136 2.16 2.13 10.48
CA GLY A 136 3.63 2.26 10.61
C GLY A 136 4.07 3.20 11.71
N ASN A 137 5.08 4.06 11.45
CA ASN A 137 5.53 4.99 12.48
C ASN A 137 4.55 6.14 12.79
N GLU A 138 3.50 6.28 11.98
CA GLU A 138 2.50 7.36 12.15
C GLU A 138 3.10 8.78 12.10
N GLU A 139 4.24 8.93 11.42
CA GLU A 139 4.97 10.20 11.43
C GLU A 139 4.62 11.08 10.26
N ILE A 140 3.86 12.16 10.51
CA ILE A 140 3.47 13.05 9.41
C ILE A 140 4.11 14.44 9.46
N SER A 141 5.11 14.57 10.33
CA SER A 141 5.93 15.79 10.48
C SER A 141 6.63 16.28 9.21
N GLY A 142 7.01 15.33 8.34
CA GLY A 142 8.00 15.54 7.28
C GLY A 142 7.84 16.75 6.38
N ASN A 143 6.89 16.67 5.46
CA ASN A 143 6.65 17.72 4.48
C ASN A 143 5.20 18.15 4.53
N GLU A 144 4.60 18.21 3.35
CA GLU A 144 3.17 18.31 3.21
C GLU A 144 2.77 16.97 2.60
N ASN A 145 3.62 16.47 1.71
CA ASN A 145 3.49 15.13 1.15
C ASN A 145 4.27 14.16 1.99
N TYR A 146 3.83 14.01 3.24
CA TYR A 146 4.50 13.17 4.20
C TYR A 146 4.55 11.69 3.77
N TRP A 147 3.72 11.27 2.83
CA TRP A 147 3.69 9.85 2.37
C TRP A 147 4.65 9.53 1.21
N ASN A 148 5.29 10.55 0.64
CA ASN A 148 6.24 10.38 -0.46
C ASN A 148 7.70 10.60 -0.07
N GLU A 149 8.42 9.50 0.16
CA GLU A 149 9.81 9.55 0.59
C GLU A 149 9.98 10.63 1.64
N SER A 150 9.20 10.51 2.72
CA SER A 150 9.22 11.52 3.77
C SER A 150 9.17 10.85 5.16
N SER A 151 8.46 11.48 6.09
CA SER A 151 8.50 11.06 7.47
C SER A 151 7.74 9.77 7.67
N LEU A 152 6.62 9.60 6.97
CA LEU A 152 5.73 8.46 7.22
C LEU A 152 6.30 7.17 6.63
N LYS A 153 6.40 6.12 7.44
CA LYS A 153 6.93 4.85 6.98
C LYS A 153 6.17 3.67 7.54
N ILE A 154 6.15 2.59 6.77
CA ILE A 154 5.44 1.36 7.13
C ILE A 154 6.20 0.13 6.58
N SER A 155 6.11 -1.01 7.28
CA SER A 155 6.73 -2.26 6.87
C SER A 155 5.78 -3.12 6.01
N ALA A 156 6.35 -4.10 5.31
CA ALA A 156 5.57 -5.03 4.50
C ALA A 156 4.57 -5.81 5.35
N ILE A 157 5.00 -6.26 6.51
CA ILE A 157 4.06 -7.01 7.36
C ILE A 157 2.87 -6.15 7.78
N GLU A 158 3.13 -4.91 8.19
CA GLU A 158 2.05 -3.99 8.53
C GLU A 158 1.16 -3.72 7.32
N GLN A 159 1.75 -3.57 6.14
CA GLN A 159 0.94 -3.37 4.93
C GLN A 159 -0.09 -4.48 4.80
N VAL A 160 0.34 -5.71 5.06
CA VAL A 160 -0.51 -6.89 4.98
C VAL A 160 -1.56 -6.86 6.09
N ASN A 161 -1.14 -6.56 7.32
CA ASN A 161 -2.09 -6.46 8.45
C ASN A 161 -3.20 -5.45 8.19
N LEU A 162 -2.85 -4.31 7.62
CA LEU A 162 -3.81 -3.25 7.38
C LEU A 162 -4.85 -3.66 6.34
N LEU A 163 -4.42 -4.34 5.27
CA LEU A 163 -5.34 -4.77 4.22
C LEU A 163 -6.32 -5.82 4.77
N LYS A 164 -5.77 -6.71 5.57
CA LYS A 164 -6.53 -7.75 6.25
C LYS A 164 -7.56 -7.13 7.21
N ASN A 165 -7.13 -6.12 7.99
CA ASN A 165 -8.02 -5.45 8.94
C ASN A 165 -9.13 -4.74 8.22
N MET A 166 -8.78 -4.05 7.14
CA MET A 166 -9.77 -3.42 6.28
C MET A 166 -10.82 -4.44 5.79
N LYS A 167 -10.37 -5.53 5.18
CA LYS A 167 -11.26 -6.54 4.61
C LYS A 167 -12.11 -7.30 5.63
N GLN A 168 -11.52 -7.62 6.79
CA GLN A 168 -12.24 -8.31 7.86
C GLN A 168 -13.11 -7.35 8.68
N HIS A 169 -13.42 -6.18 8.10
CA HIS A 169 -14.16 -5.10 8.79
C HIS A 169 -13.74 -4.82 10.23
N ASN A 170 -12.43 -4.81 10.50
CA ASN A 170 -11.94 -4.45 11.82
C ASN A 170 -11.71 -2.93 11.96
N MET A 171 -11.60 -2.25 10.81
CA MET A 171 -11.53 -0.79 10.76
C MET A 171 -12.94 -0.20 10.85
N HIS A 172 -13.00 1.06 11.25
CA HIS A 172 -14.28 1.73 11.49
C HIS A 172 -14.85 2.38 10.23
N PHE A 173 -14.30 2.07 9.06
CA PHE A 173 -14.74 2.67 7.80
C PHE A 173 -16.03 2.01 7.32
N ASP A 174 -16.90 2.76 6.63
CA ASP A 174 -18.14 2.17 6.11
C ASP A 174 -17.84 1.06 5.09
N ASN A 175 -18.57 -0.05 5.18
CA ASN A 175 -18.43 -1.18 4.26
C ASN A 175 -18.53 -0.76 2.77
N LYS A 176 -19.42 0.17 2.47
CA LYS A 176 -19.56 0.65 1.10
C LYS A 176 -18.38 1.54 0.66
N ALA A 177 -17.76 2.26 1.59
CA ALA A 177 -16.50 2.97 1.28
C ALA A 177 -15.41 1.97 0.88
N ILE A 178 -15.27 0.91 1.67
CA ILE A 178 -14.31 -0.17 1.43
C ILE A 178 -14.53 -0.83 0.08
N GLU A 179 -15.79 -1.16 -0.22
CA GLU A 179 -16.14 -1.72 -1.52
C GLU A 179 -15.75 -0.79 -2.69
N LYS A 180 -16.01 0.51 -2.57
CA LYS A 180 -15.58 1.48 -3.59
C LYS A 180 -14.06 1.48 -3.77
N VAL A 181 -13.36 1.57 -2.65
CA VAL A 181 -11.90 1.58 -2.69
C VAL A 181 -11.33 0.29 -3.26
N GLU A 182 -11.86 -0.86 -2.84
CA GLU A 182 -11.43 -2.16 -3.38
C GLU A 182 -11.65 -2.20 -4.91
N ASN A 183 -12.81 -1.72 -5.37
CA ASN A 183 -13.09 -1.70 -6.82
C ASN A 183 -12.07 -0.87 -7.61
N SER A 184 -11.71 0.29 -7.06
CA SER A 184 -10.72 1.17 -7.68
C SER A 184 -9.35 0.50 -7.88
N MET A 185 -9.02 -0.49 -7.04
CA MET A 185 -7.75 -1.19 -7.16
C MET A 185 -7.89 -2.66 -7.58
N THR A 186 -9.05 -3.00 -8.14
CA THR A 186 -9.29 -4.36 -8.60
C THR A 186 -8.61 -4.51 -9.93
N LEU A 187 -7.72 -5.48 -10.03
CA LEU A 187 -6.90 -5.67 -11.20
C LEU A 187 -7.52 -6.66 -12.16
N LYS A 188 -8.14 -7.68 -11.58
CA LYS A 188 -8.71 -8.78 -12.35
C LYS A 188 -9.83 -9.38 -11.53
N GLN A 189 -10.94 -9.72 -12.19
CA GLN A 189 -12.11 -10.31 -11.54
C GLN A 189 -12.66 -11.44 -12.39
N LYS A 190 -12.44 -12.66 -11.93
CA LYS A 190 -12.95 -13.85 -12.60
C LYS A 190 -13.89 -14.60 -11.68
N ASP A 191 -14.49 -15.68 -12.19
CA ASP A 191 -15.36 -16.55 -11.40
C ASP A 191 -14.63 -17.10 -10.17
N THR A 192 -13.41 -17.58 -10.37
CA THR A 192 -12.65 -18.29 -9.34
C THR A 192 -11.83 -17.37 -8.40
N TYR A 193 -11.70 -16.09 -8.73
CA TYR A 193 -10.95 -15.16 -7.88
C TYR A 193 -11.11 -13.67 -8.19
N LYS A 194 -10.85 -12.84 -7.17
CA LYS A 194 -10.71 -11.38 -7.33
C LYS A 194 -9.29 -11.00 -6.94
N TYR A 195 -8.62 -10.25 -7.81
CA TYR A 195 -7.23 -9.91 -7.64
C TYR A 195 -7.14 -8.39 -7.54
N VAL A 196 -6.69 -7.92 -6.38
CA VAL A 196 -6.73 -6.51 -6.03
C VAL A 196 -5.31 -6.08 -5.67
N GLY A 197 -4.88 -4.88 -6.08
CA GLY A 197 -3.60 -4.40 -5.63
C GLY A 197 -3.20 -3.01 -6.03
N LYS A 198 -2.16 -2.48 -5.38
CA LYS A 198 -1.70 -1.10 -5.62
C LYS A 198 -0.17 -1.00 -5.63
N THR A 199 0.38 -0.36 -6.67
CA THR A 199 1.82 -0.10 -6.76
C THR A 199 2.23 1.18 -6.04
N GLY A 200 3.51 1.26 -5.70
CA GLY A 200 4.12 2.50 -5.23
C GLY A 200 5.56 2.54 -5.70
N THR A 201 6.08 3.75 -5.94
CA THR A 201 7.46 3.97 -6.31
C THR A 201 7.94 5.24 -5.62
N GLY A 202 9.12 5.17 -5.05
CA GLY A 202 9.74 6.32 -4.45
C GLY A 202 11.04 6.62 -5.14
N ILE A 203 11.35 7.90 -5.25
CA ILE A 203 12.59 8.35 -5.85
C ILE A 203 13.49 8.91 -4.76
N VAL A 204 14.72 8.41 -4.72
CA VAL A 204 15.75 8.96 -3.86
C VAL A 204 17.09 9.05 -4.63
N ASN A 205 17.75 10.20 -4.50
CA ASN A 205 18.96 10.55 -5.25
C ASN A 205 18.77 10.39 -6.76
N HIS A 206 17.63 10.89 -7.24
CA HIS A 206 17.22 10.81 -8.65
C HIS A 206 17.05 9.39 -9.18
N LYS A 207 16.90 8.40 -8.30
CA LYS A 207 16.76 7.01 -8.74
C LYS A 207 15.54 6.33 -8.11
N GLU A 208 15.00 5.33 -8.81
CA GLU A 208 13.89 4.52 -8.31
C GLU A 208 14.45 3.58 -7.24
N ALA A 209 14.16 3.90 -5.98
CA ALA A 209 14.90 3.32 -4.84
C ALA A 209 14.02 2.57 -3.87
N ASN A 210 12.71 2.57 -4.11
CA ASN A 210 11.72 2.07 -3.16
C ASN A 210 10.48 1.67 -3.97
N GLY A 211 10.22 0.38 -4.05
CA GLY A 211 9.12 -0.15 -4.84
C GLY A 211 8.20 -0.97 -3.96
N TRP A 212 6.89 -0.81 -4.18
CA TRP A 212 5.87 -1.59 -3.45
C TRP A 212 4.85 -2.19 -4.39
N PHE A 213 4.35 -3.37 -4.04
CA PHE A 213 3.07 -3.82 -4.59
C PHE A 213 2.37 -4.58 -3.48
N VAL A 214 1.20 -4.11 -3.09
CA VAL A 214 0.46 -4.69 -1.99
C VAL A 214 -0.95 -4.93 -2.46
N GLY A 215 -1.60 -5.97 -1.92
CA GLY A 215 -2.96 -6.31 -2.33
C GLY A 215 -3.37 -7.65 -1.77
N TYR A 216 -4.30 -8.28 -2.44
CA TYR A 216 -4.75 -9.59 -2.01
C TYR A 216 -5.46 -10.30 -3.14
N VAL A 217 -5.55 -11.62 -2.99
CA VAL A 217 -6.34 -12.45 -3.89
C VAL A 217 -7.44 -13.12 -3.07
N GLU A 218 -8.68 -12.81 -3.42
CA GLU A 218 -9.83 -13.38 -2.75
C GLU A 218 -10.38 -14.52 -3.63
N THR A 219 -10.42 -15.71 -3.07
CA THR A 219 -10.94 -16.88 -3.79
C THR A 219 -12.30 -17.22 -3.25
N LYS A 220 -12.81 -18.37 -3.67
CA LYS A 220 -14.13 -18.78 -3.25
C LYS A 220 -14.20 -19.23 -1.79
N ASP A 221 -13.05 -19.52 -1.18
CA ASP A 221 -13.06 -20.02 0.19
C ASP A 221 -11.98 -19.43 1.12
N ASN A 222 -11.23 -18.45 0.63
CA ASN A 222 -10.07 -17.91 1.34
C ASN A 222 -9.70 -16.55 0.79
N THR A 223 -8.88 -15.82 1.54
CA THR A 223 -8.25 -14.63 1.04
C THR A 223 -6.76 -14.68 1.39
N TYR A 224 -5.94 -14.29 0.41
CA TYR A 224 -4.47 -14.27 0.52
C TYR A 224 -3.99 -12.85 0.35
N TYR A 225 -3.53 -12.25 1.44
CA TYR A 225 -3.05 -10.85 1.43
C TYR A 225 -1.57 -10.87 1.25
N PHE A 226 -1.05 -9.89 0.51
CA PHE A 226 0.39 -9.92 0.19
C PHE A 226 0.98 -8.51 0.15
N ALA A 227 2.26 -8.41 0.48
CA ALA A 227 3.01 -7.20 0.21
C ALA A 227 4.40 -7.56 -0.30
N THR A 228 4.82 -6.90 -1.36
CA THR A 228 6.17 -7.05 -1.85
C THR A 228 6.84 -5.71 -1.73
N HIS A 229 8.05 -5.70 -1.17
CA HIS A 229 8.83 -4.49 -1.13
C HIS A 229 10.22 -4.68 -1.74
N LEU A 230 10.67 -3.68 -2.51
CA LEU A 230 12.01 -3.66 -3.12
C LEU A 230 12.79 -2.44 -2.71
N LYS A 231 14.02 -2.68 -2.25
CA LYS A 231 14.98 -1.63 -1.99
C LYS A 231 16.18 -1.92 -2.89
N GLY A 232 16.62 -0.89 -3.60
CA GLY A 232 17.75 -0.98 -4.51
C GLY A 232 18.24 0.44 -4.80
N GLU A 233 19.40 0.55 -5.44
CA GLU A 233 19.95 1.87 -5.76
C GLU A 233 19.15 2.49 -6.91
N ASP A 234 18.78 1.66 -7.88
CA ASP A 234 17.91 2.05 -8.99
C ASP A 234 17.01 0.85 -9.38
N ASN A 235 15.99 1.10 -10.21
CA ASN A 235 15.07 0.06 -10.72
C ASN A 235 14.14 -0.60 -9.68
N ALA A 236 14.14 -0.06 -8.45
CA ALA A 236 13.20 -0.47 -7.42
C ALA A 236 11.91 0.35 -7.51
N ASN A 237 10.95 -0.17 -8.29
CA ASN A 237 9.72 0.56 -8.53
C ASN A 237 8.50 -0.37 -8.39
N GLY A 238 7.31 0.23 -8.49
CA GLY A 238 6.08 -0.50 -8.34
C GLY A 238 5.88 -1.58 -9.39
N GLU A 239 6.30 -1.30 -10.62
CA GLU A 239 6.05 -2.20 -11.73
C GLU A 239 6.86 -3.48 -11.55
N LYS A 240 8.13 -3.33 -11.18
CA LYS A 240 8.98 -4.46 -10.85
C LYS A 240 8.45 -5.23 -9.62
N ALA A 241 7.97 -4.50 -8.61
CA ALA A 241 7.40 -5.16 -7.43
C ALA A 241 6.17 -5.98 -7.82
N GLN A 242 5.35 -5.45 -8.71
CA GLN A 242 4.15 -6.17 -9.19
C GLN A 242 4.53 -7.39 -10.01
N GLN A 243 5.48 -7.21 -10.92
CA GLN A 243 5.99 -8.33 -11.72
C GLN A 243 6.46 -9.49 -10.86
N ILE A 244 7.32 -9.19 -9.91
CA ILE A 244 7.78 -10.20 -8.94
C ILE A 244 6.59 -10.83 -8.18
N SER A 245 5.70 -9.99 -7.64
CA SER A 245 4.52 -10.51 -6.95
C SER A 245 3.72 -11.48 -7.80
N GLU A 246 3.51 -11.14 -9.08
CA GLU A 246 2.66 -11.94 -9.94
C GLU A 246 3.33 -13.27 -10.28
N ARG A 247 4.67 -13.28 -10.39
CA ARG A 247 5.41 -14.53 -10.62
C ARG A 247 5.24 -15.44 -9.42
N ILE A 248 5.44 -14.88 -8.22
CA ILE A 248 5.29 -15.62 -6.97
C ILE A 248 3.84 -16.12 -6.81
N LEU A 249 2.88 -15.24 -7.06
CA LEU A 249 1.47 -15.63 -6.91
C LEU A 249 1.03 -16.72 -7.90
N LYS A 250 1.50 -16.62 -9.14
CA LYS A 250 1.20 -17.62 -10.17
C LYS A 250 1.82 -18.95 -9.77
N GLU A 251 3.04 -18.88 -9.26
CA GLU A 251 3.81 -20.04 -8.84
C GLU A 251 3.10 -20.78 -7.72
N MET A 252 2.45 -20.02 -6.83
CA MET A 252 1.66 -20.54 -5.73
C MET A 252 0.28 -20.96 -6.21
N GLU A 253 0.04 -20.78 -7.51
CA GLU A 253 -1.22 -21.10 -8.17
C GLU A 253 -2.44 -20.30 -7.65
N LEU A 254 -2.20 -19.08 -7.18
CA LEU A 254 -3.27 -18.19 -6.71
C LEU A 254 -3.89 -17.34 -7.81
N ILE A 255 -3.11 -17.00 -8.83
CA ILE A 255 -3.64 -16.24 -9.98
C ILE A 255 -3.38 -16.95 -11.31
#